data_2A70
#
_entry.id   2A70
#
_cell.length_a   41.620
_cell.length_b   65.210
_cell.length_c   72.460
_cell.angle_alpha   90.00
_cell.angle_beta   96.66
_cell.angle_gamma   90.00
#
_symmetry.space_group_name_H-M   'P 1 21 1'
#
loop_
_entity.id
_entity.type
_entity.pdbx_description
1 polymer Emp47p
2 non-polymer 1,2-ETHANEDIOL
3 water water
#
_entity_poly.entity_id   1
_entity_poly.type   'polypeptide(L)'
_entity_poly.pdbx_seq_one_letter_code
;GSDASKLSSDYSLPDLINTRKVPNNWQTGEQASLEEGRIVLTSNQNSKGSLWLKQGFDLKDSFTMEWTFRSVGYSGQTDG
GISFWFVQDSNIPRDKQLYNGPVNYDGLQLLVDNNGPLGPTLRGQLNDGQKPVDKTKIYDQSFASCLMGYQDSSVPSTIR
VTYDLEDDNLLKVQVDNKVCFQTRKVRFPSGSYRIGVTAQNGAVNNNAESFEIFKMQFFNGV
;
_entity_poly.pdbx_strand_id   A,B
#
loop_
_chem_comp.id
_chem_comp.type
_chem_comp.name
_chem_comp.formula
EDO non-polymer 1,2-ETHANEDIOL 'C2 H6 O2'
#
# COMPACT_ATOMS: atom_id res chain seq x y z
N GLY A 1 5.23 13.98 -20.09
CA GLY A 1 4.16 13.04 -20.52
C GLY A 1 4.55 12.26 -21.74
N SER A 2 3.83 11.18 -22.01
CA SER A 2 4.13 10.37 -23.19
C SER A 2 3.83 11.19 -24.42
N ASP A 3 4.70 11.11 -25.43
CA ASP A 3 4.53 11.88 -26.66
C ASP A 3 5.01 10.96 -27.79
N ALA A 4 4.38 11.01 -28.95
CA ALA A 4 4.82 10.18 -30.08
C ALA A 4 6.30 10.37 -30.35
N SER A 5 6.79 11.59 -30.20
CA SER A 5 8.17 11.88 -30.59
C SER A 5 9.15 11.19 -29.67
N LYS A 6 8.67 10.67 -28.55
CA LYS A 6 9.54 10.04 -27.55
C LYS A 6 9.38 8.52 -27.52
N LEU A 7 8.49 7.99 -28.36
CA LEU A 7 8.31 6.56 -28.41
C LEU A 7 9.57 5.86 -28.95
N SER A 8 9.95 4.78 -28.29
CA SER A 8 11.04 3.94 -28.71
C SER A 8 10.50 2.72 -29.40
N SER A 9 10.62 2.67 -30.74
CA SER A 9 10.07 1.57 -31.53
C SER A 9 10.70 0.25 -31.14
N ASP A 10 12.00 0.27 -30.87
CA ASP A 10 12.65 -1.02 -30.63
C ASP A 10 12.20 -1.70 -29.36
N TYR A 11 11.65 -0.94 -28.40
CA TYR A 11 11.28 -1.56 -27.12
C TYR A 11 9.77 -1.56 -26.93
N SER A 12 9.02 -1.29 -28.01
CA SER A 12 7.56 -1.23 -27.95
C SER A 12 6.96 -2.44 -28.67
N LEU A 13 5.70 -2.71 -28.35
CA LEU A 13 4.82 -3.70 -28.96
C LEU A 13 3.64 -2.95 -29.54
N PRO A 14 3.66 -2.58 -30.83
CA PRO A 14 2.55 -1.82 -31.44
C PRO A 14 1.25 -2.61 -31.23
N ASP A 15 0.16 -1.83 -31.14
CA ASP A 15 -1.18 -2.40 -30.96
C ASP A 15 -1.40 -3.61 -31.85
N LEU A 16 -1.77 -4.73 -31.22
CA LEU A 16 -1.82 -5.97 -31.98
C LEU A 16 -3.11 -6.11 -32.80
N ILE A 17 -3.98 -5.09 -32.79
CA ILE A 17 -5.17 -5.17 -33.63
C ILE A 17 -4.75 -5.49 -35.07
N ASN A 18 -5.46 -6.41 -35.71
CA ASN A 18 -5.10 -6.73 -37.09
C ASN A 18 -3.65 -7.07 -37.35
N THR A 19 -2.92 -7.63 -36.38
CA THR A 19 -1.50 -8.01 -36.55
C THR A 19 -1.37 -9.50 -36.72
N ARG A 20 -0.80 -9.94 -37.84
CA ARG A 20 -0.81 -11.36 -38.19
C ARG A 20 0.40 -12.13 -37.71
N LYS A 21 1.48 -11.44 -37.35
CA LYS A 21 2.70 -12.03 -36.86
C LYS A 21 3.19 -11.32 -35.62
N VAL A 22 3.77 -12.04 -34.69
CA VAL A 22 4.31 -11.36 -33.51
C VAL A 22 5.41 -10.39 -33.98
N PRO A 23 5.38 -9.15 -33.57
CA PRO A 23 6.47 -8.24 -33.96
C PRO A 23 7.84 -8.82 -33.65
N ASN A 24 8.73 -8.61 -34.65
CA ASN A 24 10.00 -9.31 -34.67
C ASN A 24 10.93 -9.00 -33.50
N ASN A 25 10.72 -7.87 -32.83
CA ASN A 25 11.55 -7.52 -31.66
C ASN A 25 11.14 -8.31 -30.41
N TRP A 26 10.08 -9.11 -30.46
CA TRP A 26 9.57 -9.83 -29.31
C TRP A 26 9.57 -11.35 -29.55
N GLN A 27 9.60 -12.09 -28.46
CA GLN A 27 9.57 -13.52 -28.52
C GLN A 27 8.55 -14.09 -27.53
N THR A 28 7.63 -14.87 -28.04
CA THR A 28 6.73 -15.63 -27.20
C THR A 28 7.43 -16.88 -26.62
N GLY A 29 6.92 -17.33 -25.47
CA GLY A 29 7.47 -18.56 -24.90
C GLY A 29 6.34 -19.36 -24.29
N GLU A 30 6.67 -20.62 -24.02
CA GLU A 30 5.75 -21.56 -23.41
C GLU A 30 4.55 -21.60 -24.30
N GLN A 31 3.32 -21.45 -23.81
CA GLN A 31 2.14 -21.60 -24.65
C GLN A 31 1.52 -20.24 -24.95
N ALA A 32 2.26 -19.14 -24.83
CA ALA A 32 1.73 -17.87 -25.34
C ALA A 32 1.58 -17.89 -26.88
N SER A 33 0.55 -17.24 -27.37
CA SER A 33 0.29 -17.25 -28.81
C SER A 33 -0.43 -16.00 -29.24
N LEU A 34 -0.16 -15.60 -30.47
CA LEU A 34 -0.85 -14.49 -31.11
C LEU A 34 -2.21 -15.01 -31.59
N GLU A 35 -3.26 -14.41 -31.08
CA GLU A 35 -4.62 -14.71 -31.53
C GLU A 35 -5.17 -13.42 -32.10
N GLU A 36 -6.37 -13.38 -32.62
CA GLU A 36 -6.86 -12.16 -33.20
C GLU A 36 -6.84 -10.94 -32.29
N GLY A 37 -5.94 -10.02 -32.62
CA GLY A 37 -5.88 -8.76 -31.92
C GLY A 37 -5.06 -8.80 -30.66
N ARG A 38 -4.45 -9.92 -30.23
CA ARG A 38 -3.86 -9.93 -28.90
C ARG A 38 -2.95 -11.14 -28.73
N ILE A 39 -1.98 -11.02 -27.82
CA ILE A 39 -1.20 -12.20 -27.45
C ILE A 39 -1.84 -12.76 -26.18
N VAL A 40 -2.24 -14.00 -26.28
CA VAL A 40 -2.84 -14.72 -25.15
C VAL A 40 -1.76 -15.48 -24.42
N LEU A 41 -1.53 -15.14 -23.16
CA LEU A 41 -0.51 -15.79 -22.33
C LEU A 41 -0.96 -17.12 -21.75
N THR A 42 -2.26 -17.18 -21.38
CA THR A 42 -2.81 -18.38 -20.71
C THR A 42 -4.02 -18.86 -21.48
N SER A 43 -3.71 -19.60 -22.56
CA SER A 43 -4.75 -19.91 -23.58
C SER A 43 -5.61 -21.12 -23.24
N ASN A 44 -5.33 -21.92 -22.20
CA ASN A 44 -6.33 -22.91 -21.77
C ASN A 44 -6.11 -23.29 -20.31
N GLN A 45 -6.76 -24.30 -19.74
CA GLN A 45 -6.71 -24.59 -18.31
C GLN A 45 -5.29 -24.97 -17.88
N ASN A 46 -4.81 -24.36 -16.77
CA ASN A 46 -3.48 -24.59 -16.25
C ASN A 46 -2.38 -24.45 -17.29
N SER A 47 -2.31 -23.23 -17.85
CA SER A 47 -1.36 -22.91 -18.89
C SER A 47 -0.42 -21.78 -18.44
N LYS A 48 0.65 -21.57 -19.16
CA LYS A 48 1.71 -20.62 -18.87
C LYS A 48 2.13 -19.99 -20.23
N GLY A 49 2.50 -18.72 -20.15
CA GLY A 49 3.00 -18.04 -21.36
C GLY A 49 3.92 -16.91 -20.97
N SER A 50 4.84 -16.59 -21.88
CA SER A 50 5.74 -15.47 -21.71
C SER A 50 5.86 -14.69 -23.02
N LEU A 51 6.25 -13.41 -22.83
CA LEU A 51 6.43 -12.49 -23.93
C LEU A 51 7.55 -11.52 -23.54
N TRP A 52 8.72 -11.60 -24.15
CA TRP A 52 9.85 -10.80 -23.78
C TRP A 52 10.48 -10.12 -25.01
N LEU A 53 11.08 -8.98 -24.80
CA LEU A 53 11.85 -8.38 -25.88
C LEU A 53 13.09 -9.21 -26.10
N LYS A 54 13.48 -9.37 -27.37
CA LYS A 54 14.65 -10.18 -27.71
C LYS A 54 15.93 -9.52 -27.29
N GLN A 55 16.01 -8.22 -27.23
CA GLN A 55 17.18 -7.45 -26.92
C GLN A 55 17.02 -6.76 -25.59
N GLY A 56 18.15 -6.68 -24.85
CA GLY A 56 18.14 -5.90 -23.64
C GLY A 56 18.11 -4.36 -23.86
N PHE A 57 17.69 -3.71 -22.76
CA PHE A 57 17.62 -2.26 -22.72
C PHE A 57 18.76 -1.74 -21.83
N ASP A 58 19.66 -0.94 -22.37
CA ASP A 58 20.73 -0.36 -21.61
C ASP A 58 20.20 0.85 -20.85
N LEU A 59 20.12 0.74 -19.53
CA LEU A 59 19.53 1.81 -18.73
C LEU A 59 20.47 2.98 -18.54
N LYS A 60 20.12 4.11 -19.18
CA LYS A 60 20.97 5.29 -19.21
C LYS A 60 20.20 6.57 -18.89
N ASP A 61 18.87 6.53 -19.05
CA ASP A 61 18.04 7.70 -18.98
C ASP A 61 16.65 7.31 -18.47
N SER A 62 15.89 8.28 -18.08
CA SER A 62 14.50 8.09 -17.67
C SER A 62 13.70 7.36 -18.74
N PHE A 63 12.64 6.68 -18.32
CA PHE A 63 11.84 5.91 -19.27
C PHE A 63 10.41 5.75 -18.73
N THR A 64 9.57 5.35 -19.67
CA THR A 64 8.20 4.98 -19.41
C THR A 64 7.88 3.63 -20.10
N MET A 65 7.15 2.78 -19.40
CA MET A 65 6.60 1.60 -20.04
C MET A 65 5.12 1.56 -19.78
N GLU A 66 4.31 1.47 -20.84
CA GLU A 66 2.84 1.42 -20.72
C GLU A 66 2.35 0.07 -21.23
N TRP A 67 1.78 -0.77 -20.39
CA TRP A 67 1.28 -2.07 -20.76
C TRP A 67 -0.27 -2.05 -20.82
N THR A 68 -0.81 -2.49 -21.92
CA THR A 68 -2.27 -2.61 -22.05
C THR A 68 -2.64 -4.10 -22.09
N PHE A 69 -3.40 -4.52 -21.09
CA PHE A 69 -3.65 -5.96 -20.89
C PHE A 69 -5.06 -6.16 -20.36
N ARG A 70 -5.52 -7.44 -20.40
CA ARG A 70 -6.77 -7.70 -19.72
C ARG A 70 -6.74 -9.16 -19.22
N SER A 71 -7.71 -9.46 -18.39
CA SER A 71 -8.03 -10.83 -17.99
C SER A 71 -9.50 -11.08 -18.29
N VAL A 72 -9.75 -12.12 -19.04
CA VAL A 72 -11.15 -12.49 -19.36
C VAL A 72 -11.33 -13.98 -19.08
N GLY A 73 -12.58 -14.38 -18.88
CA GLY A 73 -12.99 -15.77 -18.89
C GLY A 73 -13.17 -16.40 -17.52
N TYR A 74 -12.79 -15.71 -16.45
CA TYR A 74 -12.93 -16.30 -15.13
C TYR A 74 -13.06 -15.23 -14.05
N SER A 75 -13.94 -15.46 -13.13
CA SER A 75 -14.03 -14.65 -11.92
C SER A 75 -13.91 -15.54 -10.70
N GLY A 76 -12.98 -15.22 -9.80
CA GLY A 76 -12.80 -15.98 -8.60
C GLY A 76 -11.36 -15.93 -8.18
N GLN A 77 -11.08 -16.17 -6.89
CA GLN A 77 -9.70 -16.17 -6.47
C GLN A 77 -8.97 -17.38 -7.04
N THR A 78 -7.77 -17.20 -7.50
CA THR A 78 -6.96 -18.31 -7.99
C THR A 78 -5.53 -18.06 -7.54
N ASP A 79 -4.64 -19.03 -7.75
CA ASP A 79 -3.19 -18.83 -7.52
C ASP A 79 -2.48 -18.47 -8.82
N GLY A 80 -3.23 -18.13 -9.86
CA GLY A 80 -2.67 -17.52 -11.06
C GLY A 80 -2.22 -16.10 -10.86
N GLY A 81 -1.69 -15.51 -11.92
CA GLY A 81 -1.34 -14.10 -11.90
C GLY A 81 -0.58 -13.74 -13.16
N ILE A 82 -0.41 -12.42 -13.31
CA ILE A 82 0.38 -11.87 -14.43
C ILE A 82 1.44 -10.96 -13.86
N SER A 83 2.66 -11.13 -14.33
CA SER A 83 3.83 -10.39 -13.84
C SER A 83 4.47 -9.63 -14.99
N PHE A 84 4.79 -8.36 -14.69
CA PHE A 84 5.48 -7.48 -15.63
C PHE A 84 6.90 -7.24 -15.08
N TRP A 85 7.90 -7.41 -15.91
CA TRP A 85 9.29 -7.49 -15.45
C TRP A 85 10.17 -6.40 -16.02
N PHE A 86 11.10 -5.97 -15.15
CA PHE A 86 12.18 -5.04 -15.59
C PHE A 86 13.39 -5.51 -14.84
N VAL A 87 14.18 -6.44 -15.41
CA VAL A 87 15.16 -7.20 -14.63
C VAL A 87 16.49 -7.35 -15.39
N GLN A 88 17.59 -7.20 -14.70
CA GLN A 88 18.90 -7.23 -15.36
C GLN A 88 19.30 -8.64 -15.66
N ASP A 89 19.70 -8.92 -16.89
CA ASP A 89 20.24 -10.21 -17.27
C ASP A 89 20.88 -10.05 -18.65
N SER A 90 21.71 -11.02 -19.02
CA SER A 90 22.41 -11.02 -20.29
C SER A 90 21.60 -11.64 -21.43
N ASN A 91 20.42 -12.17 -21.10
CA ASN A 91 19.56 -12.89 -22.02
C ASN A 91 18.16 -12.80 -21.48
N ILE A 92 17.18 -13.20 -22.25
CA ILE A 92 15.85 -13.39 -21.66
C ILE A 92 16.02 -14.28 -20.44
N PRO A 93 15.46 -13.94 -19.29
CA PRO A 93 15.79 -14.73 -18.10
C PRO A 93 15.43 -16.20 -18.23
N ARG A 94 16.36 -17.06 -17.79
CA ARG A 94 16.19 -18.48 -17.95
C ARG A 94 15.11 -19.03 -17.01
N ASP A 95 15.03 -18.48 -15.80
CA ASP A 95 14.23 -19.13 -14.77
C ASP A 95 12.75 -18.86 -14.97
N LYS A 96 11.90 -19.86 -14.68
CA LYS A 96 10.45 -19.85 -14.94
C LYS A 96 9.66 -20.13 -13.68
N GLN A 97 10.26 -20.03 -12.49
CA GLN A 97 9.60 -20.50 -11.27
C GLN A 97 8.68 -19.49 -10.58
N LEU A 98 8.63 -18.24 -11.06
CA LEU A 98 7.80 -17.24 -10.38
C LEU A 98 6.83 -16.67 -11.40
N TYR A 99 5.59 -17.12 -11.41
CA TYR A 99 4.60 -16.70 -12.41
C TYR A 99 5.16 -16.87 -13.83
N ASN A 100 5.85 -18.00 -14.04
CA ASN A 100 6.47 -18.31 -15.34
C ASN A 100 7.50 -17.28 -15.75
N GLY A 101 8.11 -16.62 -14.79
CA GLY A 101 9.24 -15.72 -14.92
C GLY A 101 10.27 -16.04 -13.83
N PRO A 102 11.31 -15.21 -13.74
CA PRO A 102 12.46 -15.58 -12.90
C PRO A 102 12.27 -15.34 -11.41
N VAL A 103 12.50 -16.38 -10.59
CA VAL A 103 12.39 -16.26 -9.13
C VAL A 103 13.63 -15.62 -8.55
N ASN A 104 14.74 -15.61 -9.29
CA ASN A 104 16.02 -15.09 -8.84
C ASN A 104 16.40 -13.82 -9.57
N TYR A 105 15.40 -12.99 -9.88
CA TYR A 105 15.61 -11.79 -10.68
C TYR A 105 16.38 -10.72 -9.97
N ASP A 106 16.96 -9.81 -10.71
CA ASP A 106 17.63 -8.61 -10.25
C ASP A 106 16.92 -7.43 -10.87
N GLY A 107 16.01 -6.83 -10.12
CA GLY A 107 15.24 -5.71 -10.62
C GLY A 107 13.86 -5.69 -9.99
N LEU A 108 12.86 -5.41 -10.86
CA LEU A 108 11.50 -5.15 -10.44
C LEU A 108 10.54 -6.15 -11.07
N GLN A 109 9.64 -6.65 -10.22
CA GLN A 109 8.48 -7.44 -10.63
C GLN A 109 7.24 -6.64 -10.25
N LEU A 110 6.31 -6.47 -11.18
CA LEU A 110 4.97 -5.97 -10.87
C LEU A 110 4.01 -7.14 -11.02
N LEU A 111 3.35 -7.51 -9.93
CA LEU A 111 2.45 -8.65 -9.93
C LEU A 111 1.00 -8.20 -9.83
N VAL A 112 0.16 -8.66 -10.74
CA VAL A 112 -1.29 -8.47 -10.65
C VAL A 112 -1.88 -9.83 -10.37
N ASP A 113 -2.52 -9.94 -9.20
CA ASP A 113 -3.12 -11.23 -8.80
C ASP A 113 -4.15 -10.96 -7.73
N ASN A 114 -4.78 -12.04 -7.26
CA ASN A 114 -5.84 -11.84 -6.28
C ASN A 114 -5.76 -12.85 -5.12
N ASN A 115 -4.65 -13.56 -5.00
CA ASN A 115 -4.55 -14.61 -3.99
C ASN A 115 -4.02 -14.09 -2.66
N GLY A 116 -3.67 -12.82 -2.53
CA GLY A 116 -3.15 -12.33 -1.26
C GLY A 116 -4.24 -11.77 -0.36
N PRO A 117 -3.86 -11.26 0.80
CA PRO A 117 -4.83 -10.96 1.85
C PRO A 117 -5.66 -9.74 1.60
N LEU A 118 -5.34 -8.96 0.56
CA LEU A 118 -6.10 -7.76 0.23
C LEU A 118 -7.00 -7.92 -0.98
N GLY A 119 -7.05 -9.16 -1.53
CA GLY A 119 -7.81 -9.36 -2.78
C GLY A 119 -7.02 -8.82 -3.96
N PRO A 120 -7.73 -8.48 -5.04
CA PRO A 120 -7.05 -8.07 -6.28
C PRO A 120 -6.18 -6.84 -6.08
N THR A 121 -4.88 -6.99 -6.43
CA THR A 121 -3.92 -5.95 -6.24
C THR A 121 -2.95 -5.89 -7.42
N LEU A 122 -2.28 -4.71 -7.50
CA LEU A 122 -1.01 -4.59 -8.22
C LEU A 122 0.05 -4.35 -7.13
N ARG A 123 1.08 -5.19 -7.14
CA ARG A 123 2.14 -5.13 -6.15
C ARG A 123 3.50 -4.99 -6.81
N GLY A 124 4.36 -4.20 -6.18
CA GLY A 124 5.75 -4.14 -6.60
C GLY A 124 6.60 -5.01 -5.69
N GLN A 125 7.50 -5.76 -6.31
CA GLN A 125 8.45 -6.60 -5.59
C GLN A 125 9.84 -6.30 -6.16
N LEU A 126 10.84 -6.34 -5.29
CA LEU A 126 12.22 -6.13 -5.69
C LEU A 126 13.10 -7.32 -5.30
N ASN A 127 14.13 -7.59 -6.09
CA ASN A 127 15.17 -8.56 -5.67
C ASN A 127 16.44 -8.19 -6.36
N ASP A 128 17.58 -8.64 -5.82
CA ASP A 128 18.87 -8.21 -6.34
C ASP A 128 19.66 -9.33 -6.99
N GLY A 129 19.00 -10.44 -7.29
CA GLY A 129 19.61 -11.53 -8.03
C GLY A 129 20.51 -12.41 -7.19
N GLN A 130 20.69 -12.12 -5.90
CA GLN A 130 21.62 -12.88 -5.07
C GLN A 130 21.02 -14.24 -4.72
N LYS A 131 19.72 -14.26 -4.53
CA LYS A 131 18.99 -15.47 -4.13
C LYS A 131 17.60 -15.44 -4.68
N PRO A 132 16.92 -16.60 -4.80
CA PRO A 132 15.50 -16.60 -5.10
C PRO A 132 14.68 -15.93 -4.02
N VAL A 133 13.64 -15.19 -4.41
CA VAL A 133 12.72 -14.66 -3.41
C VAL A 133 11.98 -15.82 -2.74
N ASP A 134 11.45 -15.54 -1.55
CA ASP A 134 10.65 -16.53 -0.82
C ASP A 134 9.21 -16.44 -1.24
N LYS A 135 8.82 -17.41 -2.08
CA LYS A 135 7.46 -17.25 -2.64
C LYS A 135 6.43 -17.31 -1.54
N THR A 136 6.74 -17.90 -0.39
CA THR A 136 5.75 -18.04 0.67
C THR A 136 5.49 -16.75 1.46
N LYS A 137 6.25 -15.71 1.25
CA LYS A 137 6.07 -14.42 1.92
C LYS A 137 5.89 -13.27 0.94
N ILE A 138 5.51 -13.56 -0.31
CA ILE A 138 5.46 -12.52 -1.33
C ILE A 138 4.60 -11.35 -0.93
N TYR A 139 3.43 -11.58 -0.33
CA TYR A 139 2.52 -10.47 -0.07
C TYR A 139 3.04 -9.56 1.02
N ASP A 140 3.68 -10.13 2.05
CA ASP A 140 4.26 -9.28 3.08
C ASP A 140 5.49 -8.57 2.55
N GLN A 141 6.17 -9.13 1.54
CA GLN A 141 7.42 -8.57 1.06
C GLN A 141 7.20 -7.56 -0.06
N SER A 142 5.96 -7.30 -0.53
CA SER A 142 5.79 -6.23 -1.50
C SER A 142 6.32 -4.90 -0.99
N PHE A 143 7.02 -4.13 -1.79
CA PHE A 143 7.53 -2.86 -1.28
C PHE A 143 6.44 -1.79 -1.41
N ALA A 144 5.47 -2.01 -2.28
CA ALA A 144 4.37 -1.06 -2.48
C ALA A 144 3.25 -1.84 -3.16
N SER A 145 2.04 -1.31 -3.05
CA SER A 145 0.91 -1.97 -3.66
C SER A 145 -0.29 -1.04 -3.72
N CYS A 146 -1.27 -1.41 -4.57
CA CYS A 146 -2.57 -0.77 -4.53
C CYS A 146 -3.61 -1.84 -4.86
N LEU A 147 -4.85 -1.52 -4.48
CA LEU A 147 -5.97 -2.37 -4.94
C LEU A 147 -6.14 -2.17 -6.44
N MET A 148 -6.43 -3.27 -7.15
CA MET A 148 -6.68 -3.16 -8.58
C MET A 148 -7.56 -4.31 -9.02
N GLY A 149 -8.83 -4.01 -9.38
CA GLY A 149 -9.69 -5.04 -9.96
C GLY A 149 -9.29 -5.26 -11.44
N TYR A 150 -9.18 -6.50 -11.84
CA TYR A 150 -8.74 -6.86 -13.19
C TYR A 150 -9.50 -8.02 -13.80
N GLN A 151 -10.13 -8.90 -13.04
CA GLN A 151 -10.71 -10.10 -13.62
C GLN A 151 -12.00 -9.78 -14.38
N ASP A 152 -12.25 -10.62 -15.40
CA ASP A 152 -13.57 -10.71 -16.03
C ASP A 152 -13.98 -9.34 -16.56
N SER A 153 -13.04 -8.68 -17.22
CA SER A 153 -13.39 -7.44 -17.90
C SER A 153 -12.73 -7.42 -19.27
N SER A 154 -13.56 -7.21 -20.28
CA SER A 154 -13.07 -7.17 -21.65
C SER A 154 -12.37 -5.85 -22.02
N VAL A 155 -12.58 -4.86 -21.13
CA VAL A 155 -11.98 -3.53 -21.33
C VAL A 155 -10.60 -3.58 -20.73
N PRO A 156 -9.53 -3.35 -21.48
CA PRO A 156 -8.20 -3.56 -20.96
C PRO A 156 -7.80 -2.47 -19.98
N SER A 157 -6.89 -2.84 -19.06
CA SER A 157 -6.29 -1.89 -18.14
C SER A 157 -4.97 -1.43 -18.66
N THR A 158 -4.52 -0.27 -18.20
CA THR A 158 -3.25 0.28 -18.64
C THR A 158 -2.37 0.55 -17.42
N ILE A 159 -1.24 -0.16 -17.36
CA ILE A 159 -0.25 0.03 -16.31
C ILE A 159 0.86 0.90 -16.88
N ARG A 160 1.08 2.06 -16.26
CA ARG A 160 2.07 2.99 -16.73
C ARG A 160 3.17 3.11 -15.69
N VAL A 161 4.36 2.65 -16.04
CA VAL A 161 5.52 2.64 -15.17
C VAL A 161 6.43 3.77 -15.62
N THR A 162 6.79 4.67 -14.72
CA THR A 162 7.72 5.74 -15.08
C THR A 162 8.88 5.71 -14.10
N TYR A 163 10.07 6.01 -14.64
CA TYR A 163 11.28 6.08 -13.82
C TYR A 163 11.98 7.37 -14.22
N ASP A 164 11.95 8.33 -13.29
CA ASP A 164 12.33 9.71 -13.56
C ASP A 164 13.61 10.08 -12.83
N LEU A 165 14.75 9.99 -13.57
CA LEU A 165 16.03 10.40 -13.04
C LEU A 165 16.09 11.90 -12.79
N GLU A 166 15.22 12.66 -13.42
CA GLU A 166 15.22 14.11 -13.30
C GLU A 166 14.26 14.55 -12.20
N ASP A 167 13.75 13.62 -11.39
CA ASP A 167 12.89 13.93 -10.24
C ASP A 167 13.38 13.07 -9.08
N ASP A 168 14.71 13.01 -8.89
CA ASP A 168 15.37 12.27 -7.81
C ASP A 168 14.97 10.80 -7.78
N ASN A 169 15.00 10.18 -8.99
CA ASN A 169 14.82 8.74 -9.13
C ASN A 169 13.42 8.33 -8.69
N LEU A 170 12.42 9.06 -9.17
CA LEU A 170 11.03 8.68 -8.83
C LEU A 170 10.60 7.51 -9.69
N LEU A 171 10.27 6.39 -9.03
CA LEU A 171 9.64 5.23 -9.67
C LEU A 171 8.15 5.30 -9.33
N LYS A 172 7.32 5.35 -10.36
CA LYS A 172 5.88 5.52 -10.17
C LYS A 172 5.15 4.47 -11.04
N VAL A 173 4.09 3.93 -10.48
CA VAL A 173 3.17 3.06 -11.23
C VAL A 173 1.80 3.67 -11.17
N GLN A 174 1.21 3.88 -12.36
CA GLN A 174 -0.18 4.31 -12.49
C GLN A 174 -1.01 3.18 -13.09
N VAL A 175 -2.28 3.12 -12.71
CA VAL A 175 -3.24 2.21 -13.30
C VAL A 175 -4.37 3.08 -13.83
N ASP A 176 -4.59 3.01 -15.14
CA ASP A 176 -5.59 3.88 -15.80
C ASP A 176 -5.41 5.35 -15.41
N ASN A 177 -4.14 5.76 -15.40
CA ASN A 177 -3.70 7.13 -15.09
C ASN A 177 -3.74 7.44 -13.58
N LYS A 178 -4.34 6.62 -12.72
CA LYS A 178 -4.40 6.92 -11.31
C LYS A 178 -3.14 6.37 -10.63
N VAL A 179 -2.52 7.09 -9.70
CA VAL A 179 -1.32 6.61 -9.05
C VAL A 179 -1.63 5.37 -8.19
N CYS A 180 -0.85 4.32 -8.43
CA CYS A 180 -0.92 3.09 -7.63
C CYS A 180 0.09 3.19 -6.49
N PHE A 181 1.36 3.52 -6.82
CA PHE A 181 2.37 3.79 -5.81
C PHE A 181 3.47 4.63 -6.44
N GLN A 182 4.29 5.24 -5.59
CA GLN A 182 5.54 5.88 -6.07
C GLN A 182 6.56 5.82 -4.93
N THR A 183 7.84 5.87 -5.35
CA THR A 183 8.94 5.83 -4.38
C THR A 183 10.16 6.45 -5.00
N ARG A 184 11.07 6.94 -4.16
CA ARG A 184 12.38 7.39 -4.59
C ARG A 184 13.46 6.50 -3.99
N LYS A 185 13.11 5.35 -3.38
CA LYS A 185 14.10 4.53 -2.72
C LYS A 185 14.73 3.48 -3.65
N VAL A 186 14.25 3.33 -4.86
CA VAL A 186 14.78 2.34 -5.82
C VAL A 186 15.60 3.09 -6.85
N ARG A 187 16.91 2.86 -6.81
CA ARG A 187 17.83 3.52 -7.71
C ARG A 187 18.45 2.39 -8.53
N PHE A 188 17.86 2.05 -9.65
CA PHE A 188 18.34 0.93 -10.46
C PHE A 188 19.76 1.18 -10.90
N PRO A 189 20.64 0.21 -10.77
CA PRO A 189 22.00 0.41 -11.30
C PRO A 189 22.10 0.14 -12.79
N SER A 190 23.20 0.56 -13.39
CA SER A 190 23.47 0.36 -14.80
C SER A 190 23.46 -1.10 -15.14
N GLY A 191 23.08 -1.37 -16.38
CA GLY A 191 23.11 -2.74 -16.86
C GLY A 191 22.13 -2.86 -18.00
N SER A 192 22.00 -4.09 -18.50
CA SER A 192 21.08 -4.41 -19.59
C SER A 192 19.85 -5.05 -19.01
N TYR A 193 18.71 -4.41 -19.19
CA TYR A 193 17.49 -4.85 -18.55
C TYR A 193 16.59 -5.55 -19.54
N ARG A 194 15.99 -6.63 -19.06
CA ARG A 194 15.04 -7.45 -19.82
C ARG A 194 13.63 -7.02 -19.43
N ILE A 195 12.79 -6.81 -20.44
CA ILE A 195 11.45 -6.29 -20.33
C ILE A 195 10.51 -7.35 -20.89
N GLY A 196 9.51 -7.74 -20.15
CA GLY A 196 8.59 -8.74 -20.63
C GLY A 196 7.45 -8.93 -19.64
N VAL A 197 6.59 -9.88 -19.98
CA VAL A 197 5.37 -10.16 -19.18
C VAL A 197 5.17 -11.68 -19.25
N THR A 198 4.74 -12.22 -18.12
CA THR A 198 4.54 -13.67 -18.01
C THR A 198 3.28 -13.90 -17.20
N ALA A 199 2.65 -15.07 -17.42
CA ALA A 199 1.44 -15.32 -16.67
C ALA A 199 1.20 -16.82 -16.56
N GLN A 200 0.41 -17.17 -15.52
CA GLN A 200 -0.08 -18.53 -15.33
C GLN A 200 -1.48 -18.46 -14.78
N ASN A 201 -2.33 -19.43 -15.09
CA ASN A 201 -3.66 -19.45 -14.47
C ASN A 201 -3.82 -20.56 -13.45
N GLY A 202 -2.90 -21.47 -13.33
CA GLY A 202 -2.94 -22.50 -12.26
C GLY A 202 -4.13 -23.44 -12.43
N ALA A 203 -4.43 -24.19 -11.37
CA ALA A 203 -5.41 -25.27 -11.50
C ALA A 203 -6.65 -25.05 -10.66
N VAL A 204 -6.79 -23.91 -10.00
CA VAL A 204 -7.96 -23.71 -9.13
C VAL A 204 -9.26 -23.75 -9.91
N ASN A 205 -10.17 -24.59 -9.44
CA ASN A 205 -11.48 -24.69 -10.07
C ASN A 205 -11.39 -25.03 -11.55
N ASN A 206 -10.29 -25.63 -12.00
CA ASN A 206 -10.03 -25.88 -13.40
C ASN A 206 -10.35 -24.63 -14.22
N ASN A 207 -9.98 -23.45 -13.65
CA ASN A 207 -10.24 -22.18 -14.35
C ASN A 207 -9.50 -22.08 -15.68
N ALA A 208 -10.10 -21.25 -16.53
CA ALA A 208 -9.48 -20.91 -17.81
C ALA A 208 -9.23 -19.41 -17.91
N GLU A 209 -8.81 -18.79 -16.81
CA GLU A 209 -8.53 -17.34 -16.90
C GLU A 209 -7.52 -17.04 -17.98
N SER A 210 -7.87 -16.06 -18.84
CA SER A 210 -7.08 -15.75 -20.03
C SER A 210 -6.47 -14.37 -19.88
N PHE A 211 -5.18 -14.35 -19.60
CA PHE A 211 -4.40 -13.12 -19.49
C PHE A 211 -3.92 -12.75 -20.90
N GLU A 212 -4.24 -11.54 -21.34
CA GLU A 212 -4.02 -11.19 -22.75
C GLU A 212 -3.37 -9.82 -22.84
N ILE A 213 -2.44 -9.68 -23.79
CA ILE A 213 -1.72 -8.41 -24.05
C ILE A 213 -2.19 -7.78 -25.33
N PHE A 214 -2.53 -6.50 -25.29
CA PHE A 214 -2.97 -5.75 -26.46
C PHE A 214 -1.84 -4.90 -27.10
N LYS A 215 -1.00 -4.31 -26.27
CA LYS A 215 -0.06 -3.28 -26.68
C LYS A 215 0.94 -3.02 -25.56
N MET A 216 2.14 -2.61 -25.91
CA MET A 216 3.05 -2.04 -24.94
C MET A 216 3.77 -0.89 -25.59
N GLN A 217 3.87 0.22 -24.90
CA GLN A 217 4.55 1.40 -25.47
C GLN A 217 5.69 1.77 -24.51
N PHE A 218 6.86 1.92 -25.09
CA PHE A 218 8.05 2.29 -24.33
C PHE A 218 8.48 3.68 -24.79
N PHE A 219 8.67 4.58 -23.86
CA PHE A 219 9.12 5.93 -24.20
C PHE A 219 10.43 6.23 -23.51
N ASN A 220 11.29 7.02 -24.16
CA ASN A 220 12.30 7.74 -23.37
C ASN A 220 11.62 8.88 -22.61
N GLY A 221 12.09 9.16 -21.42
CA GLY A 221 11.49 10.22 -20.61
C GLY A 221 10.21 9.73 -19.94
N VAL A 222 9.56 10.68 -19.26
CA VAL A 222 8.29 10.47 -18.59
C VAL A 222 7.22 11.51 -18.96
N GLY B 1 -12.90 -12.42 17.22
CA GLY B 1 -13.57 -11.11 16.97
C GLY B 1 -13.87 -10.42 18.30
N SER B 2 -14.15 -9.11 18.23
CA SER B 2 -14.44 -8.35 19.43
C SER B 2 -15.74 -8.82 20.06
N ASP B 3 -15.75 -8.75 21.39
CA ASP B 3 -16.90 -9.14 22.15
C ASP B 3 -16.88 -8.42 23.48
N ALA B 4 -18.04 -8.06 24.02
CA ALA B 4 -18.06 -7.46 25.36
C ALA B 4 -17.32 -8.25 26.42
N SER B 5 -17.27 -9.58 26.34
CA SER B 5 -16.59 -10.36 27.38
C SER B 5 -15.10 -10.15 27.36
N LYS B 6 -14.56 -9.56 26.30
CA LYS B 6 -13.13 -9.39 26.15
C LYS B 6 -12.70 -7.93 26.32
N LEU B 7 -13.56 -6.99 26.59
CA LEU B 7 -13.28 -5.57 26.69
C LEU B 7 -12.44 -5.30 27.93
N SER B 8 -11.44 -4.42 27.79
CA SER B 8 -10.62 -3.96 28.89
C SER B 8 -11.04 -2.56 29.27
N SER B 9 -11.78 -2.43 30.36
CA SER B 9 -12.32 -1.08 30.64
C SER B 9 -11.19 -0.13 31.06
N ASP B 10 -10.10 -0.58 31.69
CA ASP B 10 -9.05 0.36 32.04
C ASP B 10 -8.41 1.06 30.85
N TYR B 11 -8.47 0.44 29.66
CA TYR B 11 -7.79 0.98 28.49
C TYR B 11 -8.79 1.42 27.42
N SER B 12 -10.06 1.62 27.79
CA SER B 12 -11.10 2.02 26.87
C SER B 12 -11.67 3.40 27.20
N LEU B 13 -12.32 3.99 26.22
CA LEU B 13 -13.02 5.28 26.28
C LEU B 13 -14.47 5.01 25.85
N PRO B 14 -15.39 4.76 26.77
CA PRO B 14 -16.79 4.47 26.41
C PRO B 14 -17.35 5.59 25.53
N ASP B 15 -18.30 5.18 24.67
CA ASP B 15 -18.93 6.13 23.77
C ASP B 15 -19.27 7.43 24.50
N LEU B 16 -18.79 8.51 23.97
CA LEU B 16 -18.93 9.82 24.60
C LEU B 16 -20.29 10.47 24.42
N ILE B 17 -21.23 9.82 23.76
CA ILE B 17 -22.50 10.51 23.38
C ILE B 17 -23.16 11.26 24.50
N ASN B 18 -23.14 10.73 25.71
CA ASN B 18 -23.78 11.46 26.82
C ASN B 18 -22.78 11.83 27.88
N THR B 19 -21.49 11.83 27.61
CA THR B 19 -20.50 12.09 28.64
C THR B 19 -20.24 13.58 28.83
N ARG B 20 -20.20 13.97 30.10
CA ARG B 20 -20.09 15.37 30.45
C ARG B 20 -18.74 15.70 31.09
N LYS B 21 -17.97 14.67 31.40
CA LYS B 21 -16.61 14.88 31.95
C LYS B 21 -15.70 13.85 31.32
N VAL B 22 -14.48 14.23 30.92
CA VAL B 22 -13.57 13.22 30.34
C VAL B 22 -13.33 12.11 31.34
N PRO B 23 -13.49 10.84 31.01
CA PRO B 23 -13.24 9.77 31.99
C PRO B 23 -11.84 9.86 32.57
N ASN B 24 -11.76 9.50 33.86
CA ASN B 24 -10.58 9.72 34.65
C ASN B 24 -9.39 8.89 34.21
N ASN B 25 -9.59 7.87 33.35
CA ASN B 25 -8.42 7.13 32.91
C ASN B 25 -7.78 7.76 31.68
N TRP B 26 -8.29 8.89 31.19
CA TRP B 26 -7.74 9.57 30.00
C TRP B 26 -7.31 10.99 30.38
N GLN B 27 -6.35 11.52 29.61
CA GLN B 27 -5.85 12.87 29.81
C GLN B 27 -5.87 13.61 28.46
N THR B 28 -6.62 14.69 28.39
CA THR B 28 -6.52 15.61 27.25
C THR B 28 -5.31 16.51 27.36
N GLY B 29 -4.79 16.95 26.20
CA GLY B 29 -3.66 17.87 26.22
C GLY B 29 -3.86 18.93 25.16
N GLU B 30 -3.07 19.97 25.28
CA GLU B 30 -3.07 21.08 24.33
C GLU B 30 -4.49 21.62 24.31
N GLN B 31 -5.08 21.80 23.13
CA GLN B 31 -6.40 22.40 23.09
C GLN B 31 -7.49 21.38 22.83
N ALA B 32 -7.24 20.09 23.13
CA ALA B 32 -8.32 19.11 23.08
C ALA B 32 -9.40 19.42 24.10
N SER B 33 -10.66 19.19 23.72
CA SER B 33 -11.73 19.47 24.70
C SER B 33 -12.92 18.55 24.47
N LEU B 34 -13.60 18.23 25.56
CA LEU B 34 -14.85 17.51 25.49
C LEU B 34 -15.96 18.50 25.03
N GLU B 35 -16.65 18.15 23.98
CA GLU B 35 -17.75 18.90 23.46
C GLU B 35 -18.96 17.97 23.46
N GLU B 36 -20.12 18.38 22.96
CA GLU B 36 -21.29 17.52 22.95
C GLU B 36 -21.02 16.20 22.25
N GLY B 37 -20.99 15.11 22.99
CA GLY B 37 -20.89 13.77 22.45
C GLY B 37 -19.55 13.39 21.89
N ARG B 38 -18.50 14.21 22.04
CA ARG B 38 -17.22 13.81 21.44
C ARG B 38 -16.10 14.67 22.00
N ILE B 39 -14.87 14.18 21.87
CA ILE B 39 -13.71 15.02 22.17
C ILE B 39 -13.17 15.62 20.88
N VAL B 40 -13.07 16.92 20.83
CA VAL B 40 -12.55 17.65 19.67
C VAL B 40 -11.07 17.91 19.89
N LEU B 41 -10.24 17.42 18.94
CA LEU B 41 -8.82 17.63 19.08
C LEU B 41 -8.36 18.96 18.47
N THR B 42 -9.01 19.38 17.39
CA THR B 42 -8.59 20.60 16.70
C THR B 42 -9.73 21.56 16.53
N SER B 43 -9.99 22.35 17.56
CA SER B 43 -11.26 23.11 17.59
C SER B 43 -11.17 24.48 16.92
N ASN B 44 -10.04 25.00 16.46
CA ASN B 44 -10.02 26.26 15.74
C ASN B 44 -8.86 26.25 14.72
N GLN B 45 -8.67 27.37 14.00
CA GLN B 45 -7.68 27.40 12.95
C GLN B 45 -6.26 27.25 13.51
N ASN B 46 -5.49 26.28 12.98
CA ASN B 46 -4.11 26.02 13.43
C ASN B 46 -4.09 25.69 14.91
N SER B 47 -4.77 24.58 15.23
CA SER B 47 -4.85 24.09 16.60
C SER B 47 -4.28 22.66 16.66
N LYS B 48 -4.05 22.24 17.92
CA LYS B 48 -3.50 20.92 18.22
C LYS B 48 -4.18 20.37 19.45
N GLY B 49 -4.32 19.05 19.50
CA GLY B 49 -4.88 18.42 20.67
C GLY B 49 -4.39 17.00 20.81
N SER B 50 -4.40 16.50 22.05
CA SER B 50 -4.01 15.13 22.33
C SER B 50 -4.97 14.51 23.32
N LEU B 51 -5.00 13.17 23.28
CA LEU B 51 -5.85 12.39 24.16
C LEU B 51 -5.14 11.06 24.40
N TRP B 52 -4.64 10.85 25.63
CA TRP B 52 -3.84 9.68 25.96
C TRP B 52 -4.36 9.00 27.22
N LEU B 53 -4.18 7.69 27.28
CA LEU B 53 -4.47 6.97 28.53
C LEU B 53 -3.43 7.36 29.57
N LYS B 54 -3.92 7.53 30.82
CA LYS B 54 -2.99 7.84 31.91
C LYS B 54 -2.07 6.74 32.36
N GLN B 55 -2.51 5.49 32.17
CA GLN B 55 -1.69 4.36 32.58
C GLN B 55 -1.17 3.60 31.35
N GLY B 56 0.07 3.12 31.45
CA GLY B 56 0.69 2.28 30.43
C GLY B 56 0.00 0.94 30.39
N PHE B 57 0.12 0.28 29.22
CA PHE B 57 -0.37 -1.06 28.98
C PHE B 57 0.82 -2.00 28.83
N ASP B 58 0.89 -3.03 29.67
CA ASP B 58 1.97 -3.96 29.59
C ASP B 58 1.67 -5.00 28.53
N LEU B 59 2.41 -5.00 27.44
CA LEU B 59 2.14 -5.91 26.33
C LEU B 59 2.63 -7.31 26.63
N LYS B 60 1.68 -8.24 26.77
CA LYS B 60 2.04 -9.66 27.05
C LYS B 60 1.28 -10.62 26.16
N ASP B 61 0.14 -10.21 25.60
CA ASP B 61 -0.79 -11.07 24.88
C ASP B 61 -1.46 -10.27 23.78
N SER B 62 -2.13 -11.05 22.90
CA SER B 62 -2.83 -10.45 21.77
C SER B 62 -3.82 -9.40 22.20
N PHE B 63 -4.04 -8.40 21.34
CA PHE B 63 -4.98 -7.32 21.70
C PHE B 63 -5.58 -6.69 20.45
N THR B 64 -6.63 -5.92 20.74
CA THR B 64 -7.31 -5.12 19.73
C THR B 64 -7.52 -3.70 20.23
N MET B 65 -7.32 -2.72 19.38
CA MET B 65 -7.66 -1.31 19.65
C MET B 65 -8.62 -0.82 18.58
N GLU B 66 -9.78 -0.30 18.95
CA GLU B 66 -10.72 0.21 17.97
C GLU B 66 -10.95 1.67 18.27
N TRP B 67 -10.63 2.54 17.30
CA TRP B 67 -10.82 3.99 17.43
C TRP B 67 -11.97 4.44 16.55
N THR B 68 -12.88 5.21 17.16
CA THR B 68 -14.00 5.76 16.41
C THR B 68 -13.80 7.28 16.31
N PHE B 69 -13.64 7.79 15.11
CA PHE B 69 -13.24 9.22 14.94
C PHE B 69 -13.91 9.77 13.69
N ARG B 70 -13.85 11.08 13.56
CA ARG B 70 -14.24 11.69 12.29
C ARG B 70 -13.46 12.97 12.06
N SER B 71 -13.58 13.49 10.86
CA SER B 71 -13.09 14.84 10.49
C SER B 71 -14.26 15.55 9.85
N VAL B 72 -14.58 16.73 10.39
CA VAL B 72 -15.64 17.57 9.84
C VAL B 72 -15.14 18.98 9.64
N GLY B 73 -15.85 19.72 8.78
CA GLY B 73 -15.67 21.16 8.68
C GLY B 73 -14.71 21.65 7.60
N TYR B 74 -14.02 20.71 6.87
CA TYR B 74 -13.12 21.18 5.85
C TYR B 74 -12.91 20.08 4.80
N SER B 75 -12.85 20.48 3.54
CA SER B 75 -12.47 19.57 2.50
C SER B 75 -11.35 20.23 1.68
N GLY B 76 -10.25 19.50 1.48
CA GLY B 76 -9.14 20.04 0.72
C GLY B 76 -7.84 19.50 1.32
N GLN B 77 -6.82 19.48 0.49
CA GLN B 77 -5.55 18.97 0.95
C GLN B 77 -4.91 19.91 1.97
N THR B 78 -4.39 19.42 3.07
CA THR B 78 -3.78 20.27 4.08
C THR B 78 -2.57 19.48 4.60
N ASP B 79 -1.74 20.16 5.42
CA ASP B 79 -0.66 19.43 6.09
C ASP B 79 -1.06 19.06 7.51
N GLY B 80 -2.36 19.11 7.81
CA GLY B 80 -2.84 18.53 9.06
C GLY B 80 -2.91 17.02 9.02
N GLY B 81 -3.39 16.44 10.11
CA GLY B 81 -3.56 14.99 10.16
C GLY B 81 -3.88 14.55 11.56
N ILE B 82 -4.28 13.29 11.65
CA ILE B 82 -4.57 12.67 12.95
C ILE B 82 -3.74 11.38 13.04
N SER B 83 -3.11 11.20 14.19
CA SER B 83 -2.23 10.08 14.44
C SER B 83 -2.69 9.28 15.65
N PHE B 84 -2.66 7.96 15.47
CA PHE B 84 -3.03 7.01 16.53
C PHE B 84 -1.76 6.27 16.90
N TRP B 85 -1.49 6.19 18.22
CA TRP B 85 -0.16 5.76 18.69
C TRP B 85 -0.20 4.51 19.55
N PHE B 86 0.84 3.72 19.41
CA PHE B 86 1.07 2.56 20.29
C PHE B 86 2.58 2.51 20.52
N VAL B 87 3.04 3.18 21.58
CA VAL B 87 4.49 3.47 21.67
C VAL B 87 4.99 3.25 23.08
N GLN B 88 6.23 2.77 23.22
CA GLN B 88 6.78 2.46 24.49
C GLN B 88 7.30 3.73 25.16
N ASP B 89 6.87 3.97 26.39
CA ASP B 89 7.41 5.08 27.20
C ASP B 89 6.94 4.79 28.62
N SER B 90 7.60 5.43 29.59
CA SER B 90 7.20 5.31 30.99
C SER B 90 6.21 6.36 31.46
N ASN B 91 5.82 7.26 30.56
CA ASN B 91 4.84 8.28 30.85
C ASN B 91 4.14 8.58 29.53
N ILE B 92 3.09 9.41 29.62
CA ILE B 92 2.55 9.94 28.35
C ILE B 92 3.68 10.63 27.59
N PRO B 93 3.89 10.35 26.32
CA PRO B 93 5.07 10.92 25.65
C PRO B 93 5.11 12.42 25.72
N ARG B 94 6.30 12.94 26.02
CA ARG B 94 6.44 14.41 26.13
C ARG B 94 6.52 15.16 24.81
N ASP B 95 7.13 14.51 23.81
CA ASP B 95 7.40 15.22 22.55
C ASP B 95 6.15 15.45 21.71
N LYS B 96 6.07 16.60 21.07
CA LYS B 96 4.86 16.99 20.31
C LYS B 96 5.21 17.33 18.88
N GLN B 97 6.37 16.94 18.34
CA GLN B 97 6.79 17.42 17.05
C GLN B 97 6.23 16.70 15.84
N LEU B 98 5.50 15.60 16.02
CA LEU B 98 4.99 14.85 14.88
C LEU B 98 3.48 14.70 15.05
N TYR B 99 2.73 15.57 14.31
CA TYR B 99 1.27 15.59 14.46
C TYR B 99 0.88 15.74 15.94
N ASN B 100 1.59 16.58 16.68
CA ASN B 100 1.30 16.83 18.09
C ASN B 100 1.52 15.59 18.95
N GLY B 101 2.37 14.67 18.47
CA GLY B 101 2.81 13.51 19.19
C GLY B 101 4.32 13.32 18.99
N PRO B 102 4.85 12.21 19.47
CA PRO B 102 6.33 12.11 19.57
C PRO B 102 7.02 11.77 18.29
N VAL B 103 8.02 12.58 17.91
CA VAL B 103 8.72 12.35 16.64
C VAL B 103 9.78 11.27 16.78
N ASN B 104 10.25 11.00 18.02
CA ASN B 104 11.23 9.93 18.25
C ASN B 104 10.63 8.81 19.07
N TYR B 105 9.50 8.31 18.61
CA TYR B 105 8.75 7.25 19.30
C TYR B 105 9.40 5.90 19.09
N ASP B 106 9.04 4.94 19.96
CA ASP B 106 9.43 3.54 19.91
C ASP B 106 8.18 2.71 19.81
N GLY B 107 7.78 2.34 18.58
CA GLY B 107 6.53 1.65 18.40
C GLY B 107 5.93 1.99 17.05
N LEU B 108 4.61 2.14 17.08
CA LEU B 108 3.75 2.27 15.89
C LEU B 108 3.01 3.59 15.90
N GLN B 109 3.03 4.25 14.74
CA GLN B 109 2.19 5.43 14.44
C GLN B 109 1.28 5.04 13.30
N LEU B 110 -0.01 5.29 13.46
CA LEU B 110 -0.95 5.19 12.33
C LEU B 110 -1.37 6.60 11.98
N LEU B 111 -1.09 7.04 10.77
CA LEU B 111 -1.35 8.42 10.35
C LEU B 111 -2.47 8.42 9.32
N VAL B 112 -3.51 9.22 9.60
CA VAL B 112 -4.56 9.51 8.62
C VAL B 112 -4.36 10.95 8.17
N ASP B 113 -4.08 11.12 6.87
CA ASP B 113 -3.84 12.45 6.34
C ASP B 113 -4.04 12.42 4.84
N ASN B 114 -3.85 13.59 4.19
CA ASN B 114 -4.11 13.65 2.73
C ASN B 114 -3.01 14.43 2.00
N ASN B 115 -1.88 14.70 2.65
CA ASN B 115 -0.85 15.55 2.04
C ASN B 115 0.18 14.73 1.26
N GLY B 116 0.04 13.42 1.22
CA GLY B 116 1.01 12.59 0.50
C GLY B 116 0.56 12.38 -0.94
N PRO B 117 1.38 11.64 -1.70
CA PRO B 117 1.19 11.58 -3.15
C PRO B 117 0.00 10.72 -3.61
N LEU B 118 -0.61 10.00 -2.69
CA LEU B 118 -1.77 9.15 -2.97
C LEU B 118 -3.08 9.78 -2.52
N GLY B 119 -3.03 11.01 -1.98
CA GLY B 119 -4.26 11.60 -1.45
C GLY B 119 -4.59 10.97 -0.11
N PRO B 120 -5.86 10.99 0.29
CA PRO B 120 -6.27 10.52 1.64
C PRO B 120 -5.91 9.07 1.86
N THR B 121 -5.14 8.82 2.94
CA THR B 121 -4.62 7.49 3.26
C THR B 121 -4.68 7.28 4.78
N LEU B 122 -4.61 5.96 5.09
CA LEU B 122 -4.16 5.50 6.42
C LEU B 122 -2.83 4.82 6.22
N ARG B 123 -1.80 5.25 6.95
CA ARG B 123 -0.44 4.73 6.80
C ARG B 123 0.10 4.25 8.13
N GLY B 124 0.86 3.18 8.11
CA GLY B 124 1.62 2.70 9.26
C GLY B 124 3.08 3.13 9.15
N GLN B 125 3.58 3.63 10.30
CA GLN B 125 4.98 4.06 10.40
C GLN B 125 5.57 3.39 11.65
N LEU B 126 6.84 3.00 11.59
CA LEU B 126 7.53 2.43 12.75
C LEU B 126 8.78 3.22 13.07
N ASN B 127 9.16 3.24 14.34
CA ASN B 127 10.44 3.78 14.75
C ASN B 127 10.84 3.06 16.04
N ASP B 128 12.14 3.04 16.32
CA ASP B 128 12.67 2.28 17.45
C ASP B 128 13.16 3.17 18.58
N GLY B 129 12.86 4.45 18.54
CA GLY B 129 13.19 5.37 19.65
C GLY B 129 14.62 5.88 19.62
N GLN B 130 15.44 5.49 18.62
CA GLN B 130 16.82 5.94 18.69
C GLN B 130 17.01 7.32 18.04
N LYS B 131 16.35 7.59 16.93
CA LYS B 131 16.43 8.91 16.28
C LYS B 131 15.06 9.40 15.94
N PRO B 132 14.83 10.71 15.90
CA PRO B 132 13.56 11.20 15.37
C PRO B 132 13.41 10.78 13.93
N VAL B 133 12.14 10.45 13.54
CA VAL B 133 11.95 10.15 12.12
C VAL B 133 12.14 11.40 11.29
N ASP B 134 12.47 11.16 9.99
CA ASP B 134 12.62 12.29 9.06
C ASP B 134 11.25 12.62 8.51
N LYS B 135 10.70 13.74 8.94
CA LYS B 135 9.34 14.08 8.56
C LYS B 135 9.24 14.32 7.08
N THR B 136 10.36 14.66 6.43
CA THR B 136 10.30 14.94 5.01
C THR B 136 10.20 13.65 4.18
N LYS B 137 10.29 12.48 4.80
CA LYS B 137 10.32 11.19 4.09
C LYS B 137 9.15 10.29 4.49
N ILE B 138 8.16 10.84 5.22
CA ILE B 138 7.13 9.99 5.83
C ILE B 138 6.43 9.11 4.81
N TYR B 139 6.05 9.68 3.63
CA TYR B 139 5.22 8.88 2.73
C TYR B 139 6.01 7.75 2.10
N ASP B 140 7.32 7.96 1.90
CA ASP B 140 8.12 6.89 1.31
C ASP B 140 8.65 5.97 2.38
N GLN B 141 8.40 6.22 3.65
CA GLN B 141 8.87 5.37 4.72
C GLN B 141 7.71 4.62 5.39
N SER B 142 6.45 4.82 4.98
CA SER B 142 5.39 3.99 5.52
C SER B 142 5.69 2.52 5.26
N PHE B 143 5.47 1.66 6.26
CA PHE B 143 5.66 0.22 5.99
C PHE B 143 4.43 -0.39 5.38
N ALA B 144 3.28 0.25 5.46
CA ALA B 144 2.03 -0.25 4.86
C ALA B 144 1.07 0.92 4.79
N SER B 145 0.06 0.80 3.91
CA SER B 145 -0.89 1.88 3.77
C SER B 145 -2.07 1.41 2.97
N CYS B 146 -3.16 2.18 3.05
CA CYS B 146 -4.29 1.99 2.16
C CYS B 146 -4.89 3.37 1.89
N LEU B 147 -5.67 3.46 0.80
CA LEU B 147 -6.49 4.67 0.64
C LEU B 147 -7.57 4.68 1.69
N MET B 148 -7.91 5.88 2.20
CA MET B 148 -8.98 6.04 3.16
C MET B 148 -9.51 7.45 3.06
N GLY B 149 -10.72 7.60 2.53
CA GLY B 149 -11.37 8.92 2.55
C GLY B 149 -11.89 9.22 3.97
N TYR B 150 -11.68 10.43 4.49
CA TYR B 150 -12.08 10.78 5.86
C TYR B 150 -12.59 12.19 5.98
N GLN B 151 -12.31 13.10 5.04
CA GLN B 151 -12.70 14.46 5.30
C GLN B 151 -14.18 14.69 5.10
N ASP B 152 -14.68 15.64 5.91
CA ASP B 152 -15.98 16.26 5.62
C ASP B 152 -17.08 15.25 5.69
N SER B 153 -17.04 14.29 6.58
CA SER B 153 -18.14 13.39 6.82
C SER B 153 -18.43 13.34 8.31
N SER B 154 -19.70 13.56 8.63
CA SER B 154 -20.14 13.52 10.01
C SER B 154 -20.29 12.10 10.54
N VAL B 155 -20.21 11.11 9.64
CA VAL B 155 -20.38 9.71 10.04
C VAL B 155 -19.04 9.19 10.47
N PRO B 156 -18.83 8.74 11.68
CA PRO B 156 -17.46 8.40 12.12
C PRO B 156 -16.98 7.08 11.53
N SER B 157 -15.67 7.05 11.31
CA SER B 157 -14.94 5.87 10.85
C SER B 157 -14.44 5.07 12.06
N THR B 158 -14.26 3.75 11.83
CA THR B 158 -13.72 2.89 12.87
C THR B 158 -12.44 2.25 12.39
N ILE B 159 -11.32 2.55 13.03
CA ILE B 159 -10.02 1.92 12.78
C ILE B 159 -9.86 0.81 13.79
N ARG B 160 -9.66 -0.44 13.30
CA ARG B 160 -9.52 -1.58 14.18
C ARG B 160 -8.12 -2.17 14.00
N VAL B 161 -7.34 -2.08 15.04
CA VAL B 161 -5.94 -2.56 15.04
C VAL B 161 -5.90 -3.85 15.85
N THR B 162 -5.38 -4.92 15.24
CA THR B 162 -5.25 -6.19 15.97
C THR B 162 -3.82 -6.65 15.89
N TYR B 163 -3.35 -7.24 16.96
CA TYR B 163 -2.01 -7.82 17.02
C TYR B 163 -2.20 -9.21 17.61
N ASP B 164 -1.94 -10.24 16.78
CA ASP B 164 -2.36 -11.60 17.06
C ASP B 164 -1.14 -12.50 17.24
N LEU B 165 -0.78 -12.76 18.50
CA LEU B 165 0.32 -13.66 18.81
C LEU B 165 -0.08 -15.10 18.54
N GLU B 166 -1.36 -15.36 18.35
CA GLU B 166 -1.87 -16.71 18.01
C GLU B 166 -1.99 -16.89 16.49
N ASP B 167 -1.45 -15.94 15.73
CA ASP B 167 -1.37 -16.11 14.26
C ASP B 167 -0.02 -15.57 13.78
N ASP B 168 1.05 -15.98 14.45
CA ASP B 168 2.42 -15.64 14.07
C ASP B 168 2.65 -14.13 13.97
N ASN B 169 2.22 -13.40 15.00
CA ASN B 169 2.49 -11.97 15.15
C ASN B 169 1.87 -11.18 14.04
N LEU B 170 0.61 -11.52 13.71
CA LEU B 170 -0.05 -10.73 12.63
C LEU B 170 -0.52 -9.39 13.20
N LEU B 171 -0.04 -8.31 12.59
CA LEU B 171 -0.50 -6.96 12.85
C LEU B 171 -1.42 -6.57 11.71
N LYS B 172 -2.66 -6.24 12.01
CA LYS B 172 -3.65 -5.94 10.96
C LYS B 172 -4.34 -4.65 11.35
N VAL B 173 -4.65 -3.83 10.34
CA VAL B 173 -5.48 -2.66 10.51
C VAL B 173 -6.65 -2.80 9.53
N GLN B 174 -7.85 -2.63 10.07
CA GLN B 174 -9.08 -2.58 9.31
C GLN B 174 -9.69 -1.17 9.42
N VAL B 175 -10.38 -0.75 8.38
CA VAL B 175 -11.14 0.47 8.38
C VAL B 175 -12.59 0.07 8.06
N ASP B 176 -13.49 0.34 8.97
CA ASP B 176 -14.92 -0.05 8.81
C ASP B 176 -15.02 -1.52 8.42
N ASN B 177 -14.21 -2.35 9.07
CA ASN B 177 -14.23 -3.78 8.90
C ASN B 177 -13.73 -4.23 7.52
N LYS B 178 -13.03 -3.41 6.77
CA LYS B 178 -12.34 -3.83 5.56
C LYS B 178 -10.83 -3.78 5.84
N VAL B 179 -10.09 -4.81 5.44
CA VAL B 179 -8.63 -4.77 5.71
C VAL B 179 -7.98 -3.63 4.95
N CYS B 180 -7.18 -2.86 5.70
CA CYS B 180 -6.32 -1.80 5.16
C CYS B 180 -4.94 -2.36 4.84
N PHE B 181 -4.34 -3.02 5.85
CA PHE B 181 -3.08 -3.71 5.61
C PHE B 181 -2.91 -4.81 6.67
N GLN B 182 -2.01 -5.73 6.41
CA GLN B 182 -1.59 -6.68 7.45
C GLN B 182 -0.14 -7.07 7.20
N THR B 183 0.54 -7.48 8.26
CA THR B 183 1.92 -7.88 8.15
C THR B 183 2.33 -8.79 9.32
N ARG B 184 3.35 -9.60 9.11
CA ARG B 184 4.03 -10.36 10.18
C ARG B 184 5.45 -9.89 10.35
N LYS B 185 5.81 -8.75 9.79
CA LYS B 185 7.20 -8.31 9.86
C LYS B 185 7.48 -7.50 11.13
N VAL B 186 6.46 -7.21 11.94
CA VAL B 186 6.63 -6.44 13.16
C VAL B 186 6.42 -7.31 14.39
N ARG B 187 7.48 -7.55 15.17
CA ARG B 187 7.38 -8.30 16.41
C ARG B 187 7.62 -7.33 17.57
N PHE B 188 6.55 -6.82 18.13
CA PHE B 188 6.71 -5.81 19.17
C PHE B 188 7.38 -6.43 20.41
N PRO B 189 8.32 -5.76 21.03
CA PRO B 189 8.88 -6.24 22.31
C PRO B 189 7.95 -5.90 23.47
N SER B 190 8.22 -6.59 24.57
CA SER B 190 7.44 -6.34 25.77
C SER B 190 7.75 -4.97 26.36
N GLY B 191 6.94 -4.57 27.32
CA GLY B 191 7.15 -3.27 28.00
C GLY B 191 5.82 -2.55 28.06
N SER B 192 5.94 -1.33 28.65
CA SER B 192 4.73 -0.55 28.91
C SER B 192 4.50 0.39 27.73
N TYR B 193 3.35 0.23 27.08
CA TYR B 193 3.00 1.00 25.90
C TYR B 193 1.96 2.06 26.23
N ARG B 194 2.16 3.22 25.61
CA ARG B 194 1.26 4.35 25.70
C ARG B 194 0.35 4.35 24.46
N ILE B 195 -0.92 4.58 24.70
CA ILE B 195 -1.99 4.54 23.71
C ILE B 195 -2.71 5.86 23.70
N GLY B 196 -2.82 6.47 22.53
CA GLY B 196 -3.42 7.79 22.48
C GLY B 196 -3.61 8.20 21.02
N VAL B 197 -4.16 9.40 20.89
CA VAL B 197 -4.45 10.00 19.57
C VAL B 197 -4.10 11.47 19.66
N THR B 198 -3.53 11.99 18.57
CA THR B 198 -3.15 13.38 18.50
C THR B 198 -3.53 13.93 17.13
N ALA B 199 -3.71 15.24 17.04
CA ALA B 199 -4.05 15.81 15.72
C ALA B 199 -3.63 17.29 15.68
N GLN B 200 -3.49 17.74 14.45
CA GLN B 200 -3.25 19.16 14.12
C GLN B 200 -3.96 19.45 12.84
N ASN B 201 -4.39 20.71 12.67
CA ASN B 201 -4.98 21.08 11.36
C ASN B 201 -4.10 22.05 10.59
N GLY B 202 -3.04 22.58 11.15
CA GLY B 202 -2.10 23.48 10.46
C GLY B 202 -2.78 24.73 9.97
N ALA B 203 -2.12 25.36 8.98
CA ALA B 203 -2.47 26.70 8.57
C ALA B 203 -2.89 26.75 7.11
N VAL B 204 -2.93 25.64 6.40
CA VAL B 204 -3.29 25.70 4.97
C VAL B 204 -4.70 26.24 4.79
N ASN B 205 -4.78 27.27 3.93
CA ASN B 205 -6.03 27.93 3.57
C ASN B 205 -6.77 28.36 4.83
N ASN B 206 -6.14 28.65 5.96
CA ASN B 206 -6.87 29.01 7.18
C ASN B 206 -7.96 28.00 7.48
N ASN B 207 -7.70 26.71 7.15
CA ASN B 207 -8.72 25.72 7.42
C ASN B 207 -9.03 25.55 8.91
N ALA B 208 -10.21 25.06 9.19
CA ALA B 208 -10.62 24.71 10.55
C ALA B 208 -11.07 23.24 10.61
N GLU B 209 -10.34 22.38 9.92
CA GLU B 209 -10.64 20.95 10.00
C GLU B 209 -10.70 20.49 11.47
N SER B 210 -11.79 19.80 11.79
CA SER B 210 -12.04 19.40 13.19
C SER B 210 -11.94 17.90 13.30
N PHE B 211 -10.86 17.40 13.87
CA PHE B 211 -10.64 15.97 14.12
C PHE B 211 -11.21 15.65 15.51
N GLU B 212 -12.10 14.64 15.52
CA GLU B 212 -12.93 14.41 16.72
C GLU B 212 -12.98 12.92 17.02
N ILE B 213 -13.11 12.61 18.33
CA ILE B 213 -13.09 11.23 18.81
C ILE B 213 -14.42 10.94 19.49
N PHE B 214 -15.05 9.83 19.12
CA PHE B 214 -16.32 9.42 19.72
C PHE B 214 -16.15 8.33 20.78
N LYS B 215 -15.18 7.43 20.56
CA LYS B 215 -15.13 6.17 21.33
C LYS B 215 -13.78 5.52 21.06
N MET B 216 -13.29 4.77 22.05
CA MET B 216 -12.12 3.89 21.82
C MET B 216 -12.38 2.64 22.65
N GLN B 217 -12.13 1.49 22.09
CA GLN B 217 -12.29 0.25 22.82
C GLN B 217 -11.02 -0.57 22.69
N PHE B 218 -10.60 -1.11 23.81
CA PHE B 218 -9.47 -2.01 23.89
C PHE B 218 -10.01 -3.38 24.31
N PHE B 219 -9.57 -4.41 23.59
CA PHE B 219 -9.94 -5.79 23.90
C PHE B 219 -8.70 -6.62 24.07
N ASN B 220 -8.78 -7.57 24.99
CA ASN B 220 -7.82 -8.68 24.88
C ASN B 220 -8.23 -9.57 23.73
N GLY B 221 -7.26 -10.16 23.07
CA GLY B 221 -7.48 -11.03 21.93
C GLY B 221 -7.84 -10.24 20.70
N VAL B 222 -8.26 -11.00 19.66
CA VAL B 222 -8.64 -10.41 18.38
C VAL B 222 -9.99 -10.96 17.90
C1 EDO C . -2.12 3.65 -0.65
O1 EDO C . -0.67 3.95 -0.52
C2 EDO C . -2.07 2.24 -1.16
O2 EDO C . -1.95 2.28 -2.61
C1 EDO D . 3.98 -2.86 1.56
O1 EDO D . 3.07 -2.56 2.69
C2 EDO D . 3.08 -2.60 0.35
O2 EDO D . 2.01 -3.55 0.27
C1 EDO E . 16.72 -4.35 -7.38
O1 EDO E . 17.73 -4.49 -6.35
C2 EDO E . 16.67 -2.89 -7.74
O2 EDO E . 17.94 -2.50 -8.34
C1 EDO F . 3.02 1.29 1.86
O1 EDO F . 2.51 2.55 1.36
C2 EDO F . 4.47 1.34 1.48
O2 EDO F . 4.47 1.18 0.04
C1 EDO G . -3.49 -1.06 -0.83
O1 EDO G . -4.07 -1.12 0.51
C2 EDO G . -2.19 -1.79 -0.41
O2 EDO G . -2.57 -3.11 -0.83
C1 EDO H . 9.12 -0.52 16.56
O1 EDO H . 10.50 -0.91 16.32
C2 EDO H . 8.23 -1.73 16.68
O2 EDO H . 8.68 -2.52 17.79
#